data_2GUC
#
_entry.id   2GUC
#
_cell.length_a   53.770
_cell.length_b   39.460
_cell.length_c   57.240
_cell.angle_alpha   90.00
_cell.angle_beta   91.00
_cell.angle_gamma   90.00
#
_symmetry.space_group_name_H-M   'P 1 21 1'
#
loop_
_entity.id
_entity.type
_entity.pdbx_description
1 polymer griffithsin
2 non-polymer alpha-D-mannopyranose
3 non-polymer 1,2-ETHANEDIOL
4 non-polymer 'SULFATE ION'
5 water water
#
_entity_poly.entity_id   1
_entity_poly.type   'polypeptide(L)'
_entity_poly.pdbx_seq_one_letter_code
;(ACE)SLTHRKFGGSGGSPFSGLSSIAVRSGSYLDAIIIDGVHHGGSGGNLSPTFTFGSGEYISNMTIRSGDYIDNISFE
TNMGRRFGPYGGSGGSANTLSNVKVIQINGSAGDYLDSLDIYYEQY
;
_entity_poly.pdbx_strand_id   A,B
#
loop_
_chem_comp.id
_chem_comp.type
_chem_comp.name
_chem_comp.formula
ACE non-polymer 'ACETYL GROUP' 'C2 H4 O'
EDO non-polymer 1,2-ETHANEDIOL 'C2 H6 O2'
MAN D-saccharide, alpha linking alpha-D-mannopyranose 'C6 H12 O6'
SO4 non-polymer 'SULFATE ION' 'O4 S -2'
#
# COMPACT_ATOMS: atom_id res chain seq x y z
C ACE A 1 14.77 -8.19 4.58
O ACE A 1 13.92 -8.50 5.41
CH3 ACE A 1 15.29 -9.19 3.59
N SER A 2 15.61 -7.19 4.80
CA SER A 2 15.56 -6.28 5.94
C SER A 2 14.55 -5.17 5.66
N LEU A 3 13.54 -5.03 6.51
CA LEU A 3 12.50 -4.00 6.31
C LEU A 3 13.02 -2.61 6.70
N THR A 4 12.90 -1.67 5.78
CA THR A 4 13.37 -0.31 6.02
C THR A 4 12.56 0.68 5.17
N HIS A 5 12.86 1.96 5.33
CA HIS A 5 12.32 2.92 4.41
C HIS A 5 13.35 4.01 4.16
N ARG A 6 13.24 4.67 3.03
CA ARG A 6 14.10 5.79 2.66
C ARG A 6 13.27 6.91 2.04
N LYS A 7 13.56 8.13 2.45
CA LYS A 7 12.91 9.31 1.91
C LYS A 7 13.84 9.95 0.86
N PHE A 8 13.25 10.38 -0.26
CA PHE A 8 13.99 11.13 -1.29
C PHE A 8 13.26 12.42 -1.58
N GLY A 9 14.01 13.46 -1.92
CA GLY A 9 13.39 14.73 -2.34
C GLY A 9 13.50 15.79 -1.27
N GLY A 10 12.68 16.83 -1.42
CA GLY A 10 12.80 18.07 -0.62
C GLY A 10 11.79 18.11 0.52
N SER A 11 11.66 19.27 1.17
CA SER A 11 10.83 19.35 2.40
C SER A 11 9.42 19.89 2.26
N GLY A 12 9.03 20.24 1.03
CA GLY A 12 7.72 20.84 0.76
C GLY A 12 6.53 19.90 0.62
N GLY A 13 5.38 20.47 0.27
CA GLY A 13 4.15 19.72 0.06
C GLY A 13 3.53 19.16 1.33
N SER A 14 2.44 18.41 1.18
CA SER A 14 1.75 17.87 2.34
CA SER A 14 1.71 17.89 2.32
C SER A 14 1.79 16.35 2.21
N PRO A 15 1.97 15.66 3.36
CA PRO A 15 2.11 14.19 3.29
C PRO A 15 0.92 13.43 2.72
N PHE A 16 1.20 12.28 2.10
CA PHE A 16 0.15 11.36 1.68
C PHE A 16 0.62 9.94 1.93
N SER A 17 -0.36 9.02 2.01
CA SER A 17 -0.12 7.57 2.12
C SER A 17 -0.62 6.89 0.86
N GLY A 18 0.11 5.85 0.47
CA GLY A 18 -0.22 5.00 -0.65
C GLY A 18 -1.45 4.12 -0.42
N LEU A 19 -1.82 3.94 0.84
CA LEU A 19 -3.01 3.15 1.20
C LEU A 19 -4.20 4.10 1.41
N SER A 20 -5.31 3.88 0.71
CA SER A 20 -6.39 4.88 0.79
C SER A 20 -7.77 4.38 1.27
N SER A 21 -8.06 3.09 1.03
CA SER A 21 -9.39 2.59 1.41
C SER A 21 -9.36 1.06 1.53
N ILE A 22 -10.30 0.55 2.33
CA ILE A 22 -10.46 -0.89 2.56
CA ILE A 22 -10.45 -0.88 2.61
C ILE A 22 -11.96 -1.20 2.61
N ALA A 23 -12.35 -2.32 1.97
CA ALA A 23 -13.70 -2.91 2.13
C ALA A 23 -13.41 -4.41 2.16
N VAL A 24 -14.39 -5.17 2.57
CA VAL A 24 -14.25 -6.62 2.55
C VAL A 24 -15.54 -7.20 2.00
N ARG A 25 -15.45 -8.40 1.43
CA ARG A 25 -16.65 -9.27 1.35
C ARG A 25 -16.56 -10.27 2.49
N SER A 26 -17.67 -10.54 3.17
CA SER A 26 -17.59 -11.45 4.32
C SER A 26 -18.88 -12.23 4.53
N GLY A 27 -18.71 -13.39 5.15
CA GLY A 27 -19.85 -14.22 5.57
C GLY A 27 -19.31 -14.87 6.85
N SER A 28 -19.09 -16.18 6.82
CA SER A 28 -18.41 -16.88 7.92
CA SER A 28 -18.43 -16.79 7.98
C SER A 28 -16.91 -16.60 7.89
N TYR A 29 -16.39 -16.26 6.70
CA TYR A 29 -14.98 -15.84 6.56
C TYR A 29 -14.95 -14.47 5.91
N LEU A 30 -13.74 -13.93 5.76
N LEU A 30 -13.74 -13.94 5.74
CA LEU A 30 -13.49 -12.88 4.77
CA LEU A 30 -13.48 -12.90 4.75
C LEU A 30 -13.32 -13.55 3.39
C LEU A 30 -13.32 -13.57 3.38
N ASP A 31 -14.34 -13.37 2.52
CA ASP A 31 -14.27 -13.87 1.13
C ASP A 31 -13.27 -13.05 0.28
N ALA A 32 -13.13 -11.79 0.66
CA ALA A 32 -12.27 -10.88 -0.16
C ALA A 32 -11.90 -9.65 0.63
N ILE A 33 -10.72 -9.10 0.31
CA ILE A 33 -10.41 -7.75 0.77
C ILE A 33 -10.27 -6.88 -0.46
N ILE A 34 -10.72 -5.67 -0.33
CA ILE A 34 -10.73 -4.71 -1.45
C ILE A 34 -9.89 -3.51 -0.97
N ILE A 35 -8.75 -3.31 -1.61
CA ILE A 35 -7.75 -2.31 -1.11
C ILE A 35 -7.60 -1.26 -2.20
N ASP A 36 -7.95 -0.03 -1.84
CA ASP A 36 -7.98 1.13 -2.78
C ASP A 36 -8.84 0.78 -3.99
N GLY A 37 -9.95 0.07 -3.73
CA GLY A 37 -10.90 -0.41 -4.77
C GLY A 37 -10.59 -1.72 -5.50
N VAL A 38 -9.37 -2.23 -5.34
CA VAL A 38 -8.92 -3.42 -6.10
C VAL A 38 -9.29 -4.68 -5.29
N HIS A 39 -10.08 -5.55 -5.90
CA HIS A 39 -10.63 -6.74 -5.26
C HIS A 39 -9.61 -7.89 -5.20
N HIS A 40 -9.49 -8.52 -4.05
CA HIS A 40 -8.71 -9.75 -3.92
C HIS A 40 -9.50 -10.80 -3.16
N GLY A 41 -9.80 -11.91 -3.82
CA GLY A 41 -10.59 -13.02 -3.22
C GLY A 41 -11.78 -13.40 -4.09
N GLY A 42 -12.77 -14.04 -3.47
CA GLY A 42 -13.90 -14.63 -4.18
C GLY A 42 -15.09 -13.72 -4.20
N SER A 43 -16.21 -14.26 -4.65
N SER A 43 -16.22 -14.26 -4.64
CA SER A 43 -17.45 -13.46 -4.82
CA SER A 43 -17.44 -13.45 -4.81
C SER A 43 -18.51 -13.75 -3.78
C SER A 43 -18.54 -13.83 -3.83
N GLY A 44 -18.20 -14.66 -2.85
CA GLY A 44 -19.14 -15.02 -1.78
C GLY A 44 -19.30 -13.94 -0.71
N GLY A 45 -20.14 -14.24 0.29
CA GLY A 45 -20.41 -13.30 1.35
C GLY A 45 -21.11 -12.05 0.82
N ASN A 46 -21.04 -11.01 1.63
CA ASN A 46 -21.66 -9.71 1.32
C ASN A 46 -20.62 -8.62 1.36
N LEU A 47 -20.78 -7.63 0.49
CA LEU A 47 -19.79 -6.55 0.41
C LEU A 47 -20.02 -5.48 1.48
N SER A 48 -18.99 -5.20 2.26
CA SER A 48 -19.06 -4.16 3.29
C SER A 48 -19.03 -2.76 2.69
N PRO A 49 -19.45 -1.75 3.46
CA PRO A 49 -19.18 -0.39 2.96
C PRO A 49 -17.67 -0.13 2.87
N THR A 50 -17.27 0.91 2.14
CA THR A 50 -15.83 1.21 2.01
C THR A 50 -15.41 2.16 3.13
N PHE A 51 -14.30 1.81 3.78
CA PHE A 51 -13.65 2.72 4.76
C PHE A 51 -12.55 3.48 4.01
N THR A 52 -12.71 4.78 3.91
CA THR A 52 -11.73 5.64 3.26
C THR A 52 -10.96 6.43 4.31
N PHE A 53 -9.63 6.27 4.30
CA PHE A 53 -8.78 7.06 5.26
C PHE A 53 -8.78 8.54 4.94
N GLY A 54 -9.04 9.35 5.99
CA GLY A 54 -8.89 10.79 5.84
C GLY A 54 -7.40 11.18 5.87
N SER A 55 -7.16 12.46 5.68
N SER A 55 -7.13 12.46 5.67
CA SER A 55 -5.79 12.98 5.82
CA SER A 55 -5.76 12.95 5.78
C SER A 55 -5.17 12.63 7.19
C SER A 55 -5.17 12.65 7.16
N GLY A 56 -3.99 12.03 7.16
CA GLY A 56 -3.29 11.71 8.38
C GLY A 56 -3.94 10.60 9.22
N GLU A 57 -4.85 9.84 8.62
CA GLU A 57 -5.61 8.83 9.37
C GLU A 57 -5.03 7.47 9.03
N TYR A 58 -4.78 6.64 10.05
CA TYR A 58 -4.14 5.35 9.83
C TYR A 58 -4.70 4.37 10.84
N ILE A 59 -4.60 3.08 10.52
CA ILE A 59 -5.02 2.04 11.49
C ILE A 59 -4.04 2.05 12.67
N SER A 60 -4.58 2.25 13.89
CA SER A 60 -3.78 2.22 15.13
C SER A 60 -3.93 0.91 15.93
N ASN A 61 -4.99 0.16 15.65
N ASN A 61 -5.06 0.23 15.73
CA ASN A 61 -5.31 -1.05 16.41
CA ASN A 61 -5.25 -1.08 16.34
C ASN A 61 -6.17 -1.96 15.55
C ASN A 61 -6.08 -1.97 15.43
N MET A 62 -5.84 -3.26 15.53
CA MET A 62 -6.56 -4.19 14.67
C MET A 62 -6.67 -5.54 15.32
N THR A 63 -7.84 -6.17 15.12
CA THR A 63 -8.08 -7.51 15.67
C THR A 63 -8.44 -8.39 14.45
N ILE A 64 -7.68 -9.45 14.29
CA ILE A 64 -7.89 -10.37 13.18
C ILE A 64 -8.15 -11.74 13.78
N ARG A 65 -9.28 -12.36 13.44
CA ARG A 65 -9.46 -13.83 13.76
C ARG A 65 -8.99 -14.62 12.53
N SER A 66 -8.17 -15.67 12.70
CA SER A 66 -7.66 -16.39 11.56
C SER A 66 -7.36 -17.87 11.90
N GLY A 67 -7.30 -18.69 10.87
CA GLY A 67 -6.90 -20.11 10.99
C GLY A 67 -6.20 -20.44 9.68
N ASP A 68 -6.80 -21.33 8.88
CA ASP A 68 -6.34 -21.52 7.52
C ASP A 68 -6.69 -20.32 6.63
N TYR A 69 -7.67 -19.50 7.02
CA TYR A 69 -8.08 -18.30 6.24
C TYR A 69 -8.11 -17.13 7.17
N ILE A 70 -8.54 -15.98 6.66
CA ILE A 70 -8.90 -14.88 7.57
C ILE A 70 -10.40 -15.01 7.85
N ASP A 71 -10.70 -15.27 9.12
CA ASP A 71 -12.11 -15.41 9.57
C ASP A 71 -12.80 -14.06 9.80
N ASN A 72 -12.06 -13.09 10.33
CA ASN A 72 -12.73 -11.82 10.76
C ASN A 72 -11.69 -10.73 10.79
N ILE A 73 -12.10 -9.51 10.46
CA ILE A 73 -11.23 -8.37 10.69
C ILE A 73 -12.03 -7.23 11.38
N SER A 74 -11.34 -6.52 12.31
CA SER A 74 -11.82 -5.22 12.81
CA SER A 74 -11.83 -5.28 12.91
C SER A 74 -10.62 -4.32 13.03
N PHE A 75 -10.84 -3.02 12.87
CA PHE A 75 -9.79 -2.06 13.11
C PHE A 75 -10.36 -0.72 13.60
N GLU A 76 -9.49 0.03 14.29
CA GLU A 76 -9.77 1.39 14.76
C GLU A 76 -8.58 2.27 14.29
N THR A 77 -8.92 3.47 13.90
CA THR A 77 -7.89 4.42 13.44
C THR A 77 -7.49 5.37 14.56
N ASN A 78 -6.39 6.09 14.35
CA ASN A 78 -5.99 7.20 15.25
C ASN A 78 -7.08 8.22 15.51
N MET A 79 -8.03 8.33 14.58
CA MET A 79 -9.11 9.30 14.73
CA MET A 79 -9.15 9.28 14.63
C MET A 79 -10.33 8.70 15.44
N GLY A 80 -10.15 7.49 15.94
CA GLY A 80 -11.14 6.78 16.71
C GLY A 80 -12.28 6.21 15.88
N ARG A 81 -12.10 6.16 14.55
CA ARG A 81 -13.09 5.48 13.71
C ARG A 81 -12.90 3.96 13.64
N ARG A 82 -14.01 3.24 13.52
CA ARG A 82 -13.94 1.77 13.59
C ARG A 82 -14.46 1.11 12.33
N PHE A 83 -13.80 0.05 11.91
CA PHE A 83 -14.23 -0.74 10.76
C PHE A 83 -14.51 -2.14 11.27
N GLY A 84 -15.70 -2.69 10.99
CA GLY A 84 -15.94 -4.04 11.45
C GLY A 84 -16.35 -4.08 12.91
N PRO A 85 -16.36 -5.28 13.54
CA PRO A 85 -15.95 -6.57 12.93
C PRO A 85 -16.75 -7.00 11.72
N TYR A 86 -16.05 -7.62 10.76
CA TYR A 86 -16.70 -8.29 9.62
C TYR A 86 -16.15 -9.71 9.52
N GLY A 87 -17.05 -10.65 9.21
CA GLY A 87 -16.70 -12.05 9.10
C GLY A 87 -17.33 -12.89 10.21
N GLY A 88 -16.73 -14.06 10.44
CA GLY A 88 -17.33 -15.04 11.33
C GLY A 88 -16.59 -15.16 12.64
N SER A 89 -16.92 -16.21 13.36
CA SER A 89 -16.46 -16.37 14.75
C SER A 89 -15.42 -17.50 14.92
N GLY A 90 -15.00 -18.12 13.82
CA GLY A 90 -14.03 -19.21 13.90
C GLY A 90 -12.63 -18.66 14.12
N GLY A 91 -11.67 -19.58 14.11
CA GLY A 91 -10.26 -19.21 14.16
C GLY A 91 -9.83 -18.85 15.55
N SER A 92 -8.78 -18.03 15.63
CA SER A 92 -8.33 -17.56 16.90
C SER A 92 -7.95 -16.10 16.68
N ALA A 93 -8.02 -15.32 17.76
CA ALA A 93 -7.88 -13.88 17.63
C ALA A 93 -6.47 -13.45 17.94
N ASN A 94 -6.00 -12.43 17.20
CA ASN A 94 -4.73 -11.76 17.47
C ASN A 94 -4.94 -10.27 17.30
N THR A 95 -4.26 -9.47 18.12
CA THR A 95 -4.49 -8.02 18.11
C THR A 95 -3.19 -7.27 17.90
N LEU A 96 -3.23 -6.18 17.12
CA LEU A 96 -2.13 -5.22 17.07
C LEU A 96 -2.63 -3.97 17.79
N SER A 97 -1.79 -3.41 18.67
CA SER A 97 -2.15 -2.21 19.46
CA SER A 97 -2.20 -2.16 19.32
C SER A 97 -1.06 -1.16 19.37
N ASN A 98 -1.45 0.12 19.37
CA ASN A 98 -0.45 1.23 19.32
C ASN A 98 0.48 1.06 18.13
N VAL A 99 -0.13 0.81 16.97
CA VAL A 99 0.61 0.64 15.73
C VAL A 99 0.27 1.78 14.74
N LYS A 100 0.99 1.80 13.66
CA LYS A 100 0.60 2.59 12.49
C LYS A 100 0.70 1.67 11.29
N VAL A 101 -0.43 1.20 10.76
CA VAL A 101 -0.36 0.30 9.60
C VAL A 101 0.08 1.07 8.35
N ILE A 102 1.08 0.51 7.68
CA ILE A 102 1.67 1.14 6.51
C ILE A 102 1.14 0.52 5.21
N GLN A 103 0.97 -0.80 5.21
CA GLN A 103 0.56 -1.51 4.00
C GLN A 103 -0.07 -2.85 4.38
N ILE A 104 -0.95 -3.34 3.49
CA ILE A 104 -1.53 -4.67 3.65
C ILE A 104 -1.28 -5.42 2.34
N ASN A 105 -0.52 -6.51 2.44
CA ASN A 105 -0.40 -7.49 1.35
C ASN A 105 -1.12 -8.76 1.80
N GLY A 106 -1.13 -9.78 0.96
CA GLY A 106 -1.79 -11.05 1.37
C GLY A 106 -1.82 -12.02 0.26
N SER A 107 -2.67 -13.04 0.46
CA SER A 107 -2.91 -14.07 -0.56
CA SER A 107 -2.90 -14.06 -0.56
C SER A 107 -4.38 -14.44 -0.52
N ALA A 108 -4.97 -14.69 -1.70
CA ALA A 108 -6.39 -15.00 -1.81
C ALA A 108 -6.73 -15.91 -2.99
N GLY A 109 -7.76 -16.72 -2.80
CA GLY A 109 -8.35 -17.56 -3.87
C GLY A 109 -9.84 -17.31 -3.87
N ASP A 110 -10.62 -18.32 -3.47
CA ASP A 110 -12.07 -18.15 -3.26
C ASP A 110 -12.32 -17.36 -1.99
N TYR A 111 -11.38 -17.42 -1.05
CA TYR A 111 -11.47 -16.61 0.18
C TYR A 111 -10.17 -15.80 0.37
N LEU A 112 -10.13 -14.98 1.42
CA LEU A 112 -8.89 -14.32 1.82
C LEU A 112 -8.10 -15.30 2.72
N ASP A 113 -7.01 -15.87 2.17
CA ASP A 113 -6.28 -16.91 2.89
C ASP A 113 -5.39 -16.33 3.98
N SER A 114 -4.72 -15.24 3.62
CA SER A 114 -3.77 -14.63 4.55
C SER A 114 -3.62 -13.12 4.32
N LEU A 115 -3.16 -12.44 5.39
CA LEU A 115 -2.79 -11.02 5.33
C LEU A 115 -1.37 -10.87 5.85
N ASP A 116 -0.59 -10.01 5.16
CA ASP A 116 0.73 -9.61 5.63
C ASP A 116 0.63 -8.15 5.97
N ILE A 117 0.65 -7.85 7.25
CA ILE A 117 0.44 -6.48 7.71
C ILE A 117 1.84 -5.91 7.95
N TYR A 118 2.14 -4.81 7.28
CA TYR A 118 3.38 -4.06 7.54
C TYR A 118 3.00 -2.84 8.33
N TYR A 119 3.70 -2.64 9.43
CA TYR A 119 3.30 -1.58 10.35
C TYR A 119 4.47 -1.14 11.21
N GLU A 120 4.31 0.04 11.81
CA GLU A 120 5.25 0.57 12.81
C GLU A 120 4.64 0.33 14.17
N GLN A 121 5.44 -0.25 15.06
CA GLN A 121 4.98 -0.56 16.43
C GLN A 121 5.46 0.53 17.36
N TYR A 122 4.52 1.21 18.02
CA TYR A 122 4.86 2.25 18.96
C TYR A 122 4.74 1.67 20.38
C ACE B 1 8.87 2.27 14.85
O ACE B 1 9.56 2.59 13.87
CH3 ACE B 1 8.01 3.28 15.57
N SER B 2 8.85 1.05 15.38
N SER B 2 8.92 1.06 15.40
CA SER B 2 9.60 -0.06 14.82
CA SER B 2 9.69 -0.04 14.80
C SER B 2 8.87 -0.69 13.65
C SER B 2 8.91 -0.69 13.66
N LEU B 3 9.44 -0.57 12.44
CA LEU B 3 8.87 -1.18 11.23
C LEU B 3 8.92 -2.71 11.23
N THR B 4 7.76 -3.31 11.00
CA THR B 4 7.54 -4.68 11.37
C THR B 4 6.57 -5.29 10.34
N HIS B 5 6.59 -6.62 10.26
CA HIS B 5 5.66 -7.36 9.38
C HIS B 5 5.10 -8.47 10.28
N ARG B 6 3.81 -8.74 10.12
CA ARG B 6 3.26 -9.96 10.74
C ARG B 6 2.28 -10.57 9.75
N LYS B 7 2.30 -11.89 9.64
CA LYS B 7 1.40 -12.62 8.73
C LYS B 7 0.31 -13.30 9.56
N PHE B 8 -0.91 -13.29 9.06
CA PHE B 8 -2.02 -13.98 9.68
C PHE B 8 -2.67 -14.85 8.63
N GLY B 9 -3.25 -15.98 9.06
CA GLY B 9 -3.90 -16.90 8.15
C GLY B 9 -3.06 -18.05 7.63
N GLY B 10 -3.54 -18.71 6.58
CA GLY B 10 -2.93 -19.94 6.11
C GLY B 10 -2.04 -19.81 4.89
N SER B 11 -1.83 -20.96 4.23
CA SER B 11 -0.80 -21.07 3.21
C SER B 11 -1.34 -20.94 1.76
N GLY B 12 -2.67 -20.88 1.60
CA GLY B 12 -3.26 -20.98 0.26
C GLY B 12 -3.41 -19.67 -0.52
N GLY B 13 -4.09 -19.79 -1.66
CA GLY B 13 -4.40 -18.67 -2.58
C GLY B 13 -3.23 -18.11 -3.37
N SER B 14 -3.49 -17.04 -4.10
CA SER B 14 -2.45 -16.37 -4.88
C SER B 14 -2.04 -15.06 -4.18
N PRO B 15 -0.72 -14.74 -4.17
CA PRO B 15 -0.25 -13.46 -3.56
C PRO B 15 -0.83 -12.21 -4.27
N PHE B 16 -1.07 -11.19 -3.47
CA PHE B 16 -1.37 -9.88 -4.00
C PHE B 16 -0.68 -8.85 -3.11
N SER B 17 -0.55 -7.64 -3.66
CA SER B 17 0.07 -6.48 -2.93
C SER B 17 -0.96 -5.41 -2.79
N GLY B 18 -0.95 -4.68 -1.65
CA GLY B 18 -1.76 -3.49 -1.47
C GLY B 18 -1.44 -2.44 -2.55
N LEU B 19 -0.17 -2.36 -2.94
CA LEU B 19 0.25 -1.45 -4.02
C LEU B 19 -0.06 -2.16 -5.34
N SER B 20 -1.10 -1.67 -6.04
CA SER B 20 -1.61 -2.32 -7.25
CA SER B 20 -1.57 -2.35 -7.26
C SER B 20 -1.19 -1.65 -8.55
N SER B 21 -1.24 -0.32 -8.56
CA SER B 21 -0.90 0.41 -9.80
C SER B 21 -0.18 1.72 -9.53
N ILE B 22 0.60 2.14 -10.50
CA ILE B 22 1.33 3.43 -10.42
C ILE B 22 1.29 4.11 -11.78
N ALA B 23 1.01 5.43 -11.76
CA ALA B 23 1.25 6.26 -12.94
C ALA B 23 1.79 7.54 -12.42
N VAL B 24 2.31 8.35 -13.35
CA VAL B 24 2.85 9.64 -12.95
C VAL B 24 2.39 10.70 -13.94
N ARG B 25 2.35 11.94 -13.49
CA ARG B 25 2.38 13.09 -14.40
C ARG B 25 3.82 13.59 -14.33
N SER B 26 4.42 13.85 -15.50
CA SER B 26 5.82 14.26 -15.51
C SER B 26 6.08 15.28 -16.61
N GLY B 27 7.07 16.15 -16.37
CA GLY B 27 7.58 17.04 -17.44
C GLY B 27 9.05 17.12 -17.15
N SER B 28 9.46 18.29 -16.66
CA SER B 28 10.81 18.47 -16.09
C SER B 28 10.98 17.70 -14.74
N TYR B 29 9.91 17.67 -13.95
CA TYR B 29 9.89 17.00 -12.67
C TYR B 29 8.77 15.95 -12.69
N LEU B 30 8.60 15.23 -11.59
CA LEU B 30 7.34 14.53 -11.39
C LEU B 30 6.30 15.50 -10.83
N ASP B 31 5.34 15.88 -11.66
CA ASP B 31 4.22 16.74 -11.19
C ASP B 31 3.31 15.98 -10.22
N ALA B 32 3.22 14.68 -10.42
CA ALA B 32 2.29 13.89 -9.55
C ALA B 32 2.66 12.41 -9.64
N ILE B 33 2.32 11.70 -8.56
CA ILE B 33 2.25 10.23 -8.64
C ILE B 33 0.83 9.78 -8.33
N ILE B 34 0.37 8.74 -9.03
CA ILE B 34 -1.02 8.29 -8.97
C ILE B 34 -0.88 6.84 -8.48
N ILE B 35 -1.31 6.61 -7.24
CA ILE B 35 -1.12 5.31 -6.57
CA ILE B 35 -1.12 5.32 -6.54
C ILE B 35 -2.47 4.65 -6.40
N ASP B 36 -2.65 3.49 -7.04
CA ASP B 36 -3.97 2.82 -7.09
C ASP B 36 -5.10 3.78 -7.52
N GLY B 37 -4.82 4.63 -8.53
CA GLY B 37 -5.77 5.60 -9.03
C GLY B 37 -5.87 6.93 -8.25
N VAL B 38 -5.22 7.02 -7.11
CA VAL B 38 -5.35 8.26 -6.27
C VAL B 38 -4.24 9.23 -6.63
N HIS B 39 -4.65 10.44 -7.04
CA HIS B 39 -3.71 11.45 -7.53
C HIS B 39 -3.01 12.19 -6.38
N HIS B 40 -1.69 12.33 -6.47
CA HIS B 40 -0.89 13.08 -5.45
C HIS B 40 0.07 14.04 -6.17
N GLY B 41 -0.26 15.34 -6.11
CA GLY B 41 0.52 16.40 -6.80
C GLY B 41 -0.37 17.25 -7.68
N GLY B 42 0.26 17.94 -8.66
CA GLY B 42 -0.35 18.99 -9.47
C GLY B 42 -0.89 18.47 -10.78
N SER B 43 -1.31 19.41 -11.63
CA SER B 43 -1.88 19.05 -12.90
C SER B 43 -0.95 19.30 -14.08
N GLY B 44 0.30 19.69 -13.81
CA GLY B 44 1.22 19.98 -14.91
C GLY B 44 1.87 18.74 -15.50
N GLY B 45 2.83 18.93 -16.42
CA GLY B 45 3.41 17.77 -17.09
C GLY B 45 2.36 16.95 -17.88
N ASN B 46 2.71 15.70 -18.15
CA ASN B 46 1.88 14.81 -18.97
C ASN B 46 1.64 13.48 -18.27
N LEU B 47 0.44 12.90 -18.44
CA LEU B 47 0.12 11.65 -17.73
C LEU B 47 0.77 10.46 -18.42
N SER B 48 1.54 9.68 -17.67
CA SER B 48 2.13 8.43 -18.16
C SER B 48 1.06 7.34 -18.23
N PRO B 49 1.35 6.24 -18.95
CA PRO B 49 0.49 5.05 -18.83
C PRO B 49 0.58 4.52 -17.40
N THR B 50 -0.42 3.69 -17.07
CA THR B 50 -0.51 3.06 -15.75
C THR B 50 0.18 1.68 -15.76
N PHE B 51 1.04 1.48 -14.77
CA PHE B 51 1.68 0.18 -14.57
C PHE B 51 0.92 -0.57 -13.48
N THR B 52 0.46 -1.80 -13.80
CA THR B 52 -0.34 -2.56 -12.86
C THR B 52 0.37 -3.87 -12.50
N PHE B 53 0.57 -4.11 -11.20
CA PHE B 53 1.31 -5.29 -10.76
C PHE B 53 0.47 -6.54 -10.91
N GLY B 54 1.13 -7.64 -11.32
CA GLY B 54 0.52 -8.97 -11.38
C GLY B 54 0.72 -9.64 -10.04
N SER B 55 0.06 -10.79 -9.84
CA SER B 55 0.23 -11.59 -8.65
C SER B 55 1.72 -11.97 -8.51
N GLY B 56 2.28 -11.70 -7.33
CA GLY B 56 3.65 -12.10 -7.02
C GLY B 56 4.69 -11.11 -7.55
N GLU B 57 4.23 -10.02 -8.16
CA GLU B 57 5.12 -9.03 -8.78
C GLU B 57 5.36 -7.86 -7.85
N TYR B 58 6.62 -7.43 -7.82
CA TYR B 58 6.99 -6.26 -7.06
C TYR B 58 8.20 -5.54 -7.67
N ILE B 59 8.35 -4.27 -7.29
CA ILE B 59 9.47 -3.45 -7.73
C ILE B 59 10.71 -4.02 -7.05
N SER B 60 11.70 -4.41 -7.87
CA SER B 60 12.94 -5.04 -7.39
C SER B 60 14.12 -4.08 -7.47
N ASN B 61 13.99 -3.02 -8.27
CA ASN B 61 15.08 -2.03 -8.46
CA ASN B 61 15.09 -2.04 -8.50
C ASN B 61 14.38 -0.74 -8.84
N MET B 62 14.83 0.36 -8.26
CA MET B 62 14.19 1.66 -8.52
C MET B 62 15.23 2.77 -8.55
N THR B 63 15.14 3.67 -9.52
CA THR B 63 16.06 4.83 -9.58
C THR B 63 15.22 6.07 -9.47
N ILE B 64 15.58 6.93 -8.51
CA ILE B 64 14.84 8.16 -8.30
C ILE B 64 15.87 9.25 -8.46
N ARG B 65 15.61 10.23 -9.33
CA ARG B 65 16.42 11.44 -9.32
C ARG B 65 15.63 12.50 -8.52
N SER B 66 16.31 13.21 -7.63
CA SER B 66 15.65 14.20 -6.80
C SER B 66 16.58 15.35 -6.40
N GLY B 67 15.93 16.45 -5.98
CA GLY B 67 16.61 17.69 -5.55
C GLY B 67 15.66 18.29 -4.54
N ASP B 68 15.17 19.51 -4.80
CA ASP B 68 14.05 20.02 -4.03
C ASP B 68 12.76 19.20 -4.21
N TYR B 69 12.59 18.58 -5.39
CA TYR B 69 11.42 17.74 -5.72
C TYR B 69 11.91 16.37 -6.21
N ILE B 70 10.96 15.52 -6.60
CA ILE B 70 11.35 14.31 -7.36
C ILE B 70 11.44 14.70 -8.83
N ASP B 71 12.63 14.52 -9.40
CA ASP B 71 12.86 14.86 -10.81
C ASP B 71 12.47 13.77 -11.79
N ASN B 72 12.66 12.52 -11.36
CA ASN B 72 12.56 11.41 -12.32
C ASN B 72 12.30 10.12 -11.54
N ILE B 73 11.54 9.19 -12.11
CA ILE B 73 11.47 7.81 -11.53
C ILE B 73 11.58 6.78 -12.65
N SER B 74 12.21 5.66 -12.36
CA SER B 74 12.13 4.48 -13.19
C SER B 74 12.19 3.30 -12.25
N PHE B 75 11.59 2.19 -12.67
CA PHE B 75 11.80 0.95 -11.89
C PHE B 75 11.73 -0.30 -12.74
N GLU B 76 12.16 -1.41 -12.12
CA GLU B 76 12.17 -2.72 -12.75
C GLU B 76 11.47 -3.65 -11.76
N THR B 77 10.79 -4.66 -12.28
CA THR B 77 10.12 -5.60 -11.38
C THR B 77 10.86 -6.93 -11.36
N ASN B 78 10.48 -7.79 -10.41
CA ASN B 78 11.05 -9.11 -10.32
C ASN B 78 10.69 -10.00 -11.52
N MET B 79 9.71 -9.58 -12.32
CA MET B 79 9.31 -10.31 -13.55
C MET B 79 9.90 -9.69 -14.81
N GLY B 80 10.79 -8.75 -14.59
CA GLY B 80 11.60 -8.19 -15.70
C GLY B 80 10.86 -7.13 -16.52
N ARG B 81 9.79 -6.60 -15.93
CA ARG B 81 9.02 -5.49 -16.53
C ARG B 81 9.60 -4.14 -16.09
N ARG B 82 9.33 -3.08 -16.84
CA ARG B 82 9.87 -1.75 -16.46
C ARG B 82 8.81 -0.67 -16.47
N PHE B 83 9.07 0.40 -15.72
CA PHE B 83 8.25 1.61 -15.78
C PHE B 83 9.24 2.77 -15.87
N GLY B 84 8.96 3.68 -16.78
CA GLY B 84 9.81 4.85 -16.93
C GLY B 84 11.05 4.49 -17.74
N PRO B 85 12.05 5.39 -17.75
CA PRO B 85 12.05 6.60 -16.91
C PRO B 85 11.01 7.63 -17.35
N TYR B 86 10.52 8.39 -16.37
CA TYR B 86 9.67 9.57 -16.58
C TYR B 86 10.23 10.72 -15.74
N GLY B 87 10.30 11.89 -16.39
CA GLY B 87 10.69 13.14 -15.71
C GLY B 87 11.88 13.73 -16.44
N GLY B 88 12.62 14.60 -15.76
CA GLY B 88 13.79 15.25 -16.37
C GLY B 88 15.09 14.76 -15.79
N SER B 89 16.19 15.47 -16.16
CA SER B 89 17.56 14.99 -15.87
C SER B 89 18.18 15.75 -14.71
N GLY B 90 17.38 16.57 -14.03
CA GLY B 90 17.90 17.35 -12.91
C GLY B 90 18.10 16.55 -11.61
N GLY B 91 18.48 17.25 -10.55
CA GLY B 91 18.67 16.60 -9.25
C GLY B 91 19.82 15.58 -9.32
N SER B 92 19.84 14.63 -8.40
CA SER B 92 20.85 13.56 -8.45
CA SER B 92 20.87 13.58 -8.35
C SER B 92 20.16 12.24 -8.24
N ALA B 93 20.79 11.18 -8.79
CA ALA B 93 20.18 9.85 -8.82
C ALA B 93 20.51 9.06 -7.57
N ASN B 94 19.53 8.34 -7.05
CA ASN B 94 19.78 7.28 -6.08
C ASN B 94 19.08 6.04 -6.60
N THR B 95 19.72 4.88 -6.46
CA THR B 95 19.11 3.60 -6.88
C THR B 95 18.95 2.61 -5.71
N LEU B 96 17.74 2.10 -5.53
CA LEU B 96 17.48 0.98 -4.65
C LEU B 96 17.66 -0.30 -5.52
N SER B 97 18.50 -1.22 -5.07
CA SER B 97 18.85 -2.43 -5.85
C SER B 97 18.53 -3.64 -5.03
N ASN B 98 18.01 -4.68 -5.67
CA ASN B 98 17.72 -5.96 -4.99
C ASN B 98 16.82 -5.76 -3.75
N VAL B 99 15.64 -5.19 -4.01
CA VAL B 99 14.64 -4.88 -2.97
C VAL B 99 13.29 -5.51 -3.31
N LYS B 100 12.34 -5.33 -2.40
CA LYS B 100 10.95 -5.66 -2.66
C LYS B 100 10.20 -4.43 -2.15
N VAL B 101 9.68 -3.58 -3.03
CA VAL B 101 8.93 -2.39 -2.57
C VAL B 101 7.59 -2.83 -1.96
N ILE B 102 7.33 -2.31 -0.77
CA ILE B 102 6.09 -2.63 -0.03
C ILE B 102 5.07 -1.48 -0.17
N GLN B 103 5.52 -0.23 0.04
CA GLN B 103 4.59 0.90 0.01
C GLN B 103 5.32 2.12 -0.53
N ILE B 104 4.55 2.98 -1.15
CA ILE B 104 5.06 4.30 -1.61
C ILE B 104 4.21 5.40 -0.99
N ASN B 105 4.76 6.12 -0.01
CA ASN B 105 4.13 7.30 0.59
C ASN B 105 4.97 8.48 0.10
N GLY B 106 4.64 9.68 0.50
CA GLY B 106 5.45 10.86 0.09
C GLY B 106 4.78 12.12 0.52
N SER B 107 5.15 13.24 -0.14
N SER B 107 5.16 13.23 -0.13
CA SER B 107 4.55 14.54 0.12
CA SER B 107 4.57 14.54 0.11
C SER B 107 4.40 15.24 -1.22
C SER B 107 4.40 15.24 -1.23
N ALA B 108 3.30 15.98 -1.43
CA ALA B 108 3.02 16.63 -2.72
C ALA B 108 2.32 17.95 -2.53
N GLY B 109 2.53 18.85 -3.49
CA GLY B 109 1.83 20.16 -3.56
C GLY B 109 1.45 20.29 -5.01
N ASP B 110 2.05 21.28 -5.67
CA ASP B 110 1.99 21.39 -7.13
C ASP B 110 2.84 20.32 -7.82
N TYR B 111 3.88 19.87 -7.16
CA TYR B 111 4.72 18.78 -7.69
C TYR B 111 4.82 17.66 -6.67
N LEU B 112 5.50 16.59 -7.04
CA LEU B 112 5.81 15.55 -6.06
C LEU B 112 7.10 15.98 -5.35
N ASP B 113 6.93 16.56 -4.16
CA ASP B 113 8.11 17.02 -3.38
C ASP B 113 9.04 15.90 -2.92
N SER B 114 8.44 14.80 -2.49
CA SER B 114 9.23 13.73 -1.90
C SER B 114 8.48 12.39 -1.92
N LEU B 115 9.26 11.32 -1.87
CA LEU B 115 8.76 9.97 -1.79
C LEU B 115 9.38 9.32 -0.55
N ASP B 116 8.55 8.55 0.14
CA ASP B 116 9.00 7.77 1.28
C ASP B 116 8.70 6.33 0.91
N ILE B 117 9.75 5.62 0.53
CA ILE B 117 9.61 4.26 -0.04
C ILE B 117 9.85 3.27 1.08
N TYR B 118 8.88 2.43 1.33
CA TYR B 118 9.00 1.32 2.31
C TYR B 118 9.28 0.02 1.58
N TYR B 119 10.33 -0.70 2.00
CA TYR B 119 10.78 -1.87 1.26
C TYR B 119 11.61 -2.83 2.10
N GLU B 120 11.71 -4.05 1.60
CA GLU B 120 12.65 -5.03 2.11
C GLU B 120 13.93 -4.95 1.28
N GLN B 121 15.06 -4.85 1.98
CA GLN B 121 16.38 -4.78 1.32
C GLN B 121 17.00 -6.18 1.40
N TYR B 122 17.22 -6.82 0.25
CA TYR B 122 17.91 -8.13 0.30
C TYR B 122 19.41 -7.97 0.12
C1 MAN C . -8.97 -21.68 -3.91
C2 MAN C . -7.44 -21.77 -4.03
C3 MAN C . -6.77 -22.16 -2.68
C4 MAN C . -7.30 -21.29 -1.53
C5 MAN C . -8.84 -21.29 -1.48
C6 MAN C . -9.41 -20.27 -0.49
O1 MAN C . -9.55 -22.96 -3.78
O2 MAN C . -6.97 -20.49 -4.48
O3 MAN C . -5.36 -22.09 -2.76
O4 MAN C . -6.80 -21.72 -0.27
O5 MAN C . -9.39 -20.95 -2.74
O6 MAN C . -9.07 -18.99 -0.99
C1 MAN D . -21.17 -18.14 4.32
C2 MAN D . -21.82 -17.32 3.19
C3 MAN D . -21.03 -17.44 1.85
C4 MAN D . -19.55 -17.11 2.10
C5 MAN D . -19.01 -17.98 3.28
C6 MAN D . -17.54 -17.57 3.59
O1 MAN D . -21.27 -19.57 4.10
O2 MAN D . -21.96 -15.95 3.62
O3 MAN D . -21.59 -16.65 0.78
O4 MAN D . -18.78 -17.38 0.93
O5 MAN D . -19.81 -17.74 4.44
O6 MAN D . -17.53 -16.25 4.14
C1 MAN E . -9.14 -23.77 10.49
C2 MAN E . -9.45 -23.42 11.97
C3 MAN E . -10.83 -22.73 12.12
C4 MAN E . -10.94 -21.52 11.17
C5 MAN E . -10.57 -21.99 9.73
C6 MAN E . -10.58 -20.75 8.80
O1 MAN E . -10.02 -24.85 10.09
O2 MAN E . -8.38 -22.60 12.46
O3 MAN E . -11.14 -22.35 13.45
O4 MAN E . -12.24 -20.96 11.25
O5 MAN E . -9.30 -22.59 9.65
O6 MAN E . -9.57 -19.83 9.16
C1 MAN F . 7.90 4.18 21.45
C2 MAN F . 8.79 5.41 21.40
C3 MAN F . 9.19 5.73 19.97
C4 MAN F . 9.64 4.48 19.20
C5 MAN F . 8.74 3.26 19.38
C6 MAN F . 9.37 2.02 18.77
C6 MAN F . 9.45 2.03 18.80
O1 MAN F . 6.66 4.61 20.91
O2 MAN F . 9.94 5.20 22.19
O3 MAN F . 10.39 6.51 20.01
O4 MAN F . 9.97 4.81 17.87
O5 MAN F . 8.55 3.06 20.79
O6 MAN F . 10.70 1.91 19.21
O6 MAN F . 8.63 0.87 18.80
C1 EDO G . -10.75 -3.42 17.04
O1 EDO G . -11.43 -2.68 16.07
C2 EDO G . -9.33 -3.52 16.63
O2 EDO G . -8.56 -3.91 17.77
C1 MAN H . 3.07 24.19 -3.26
C2 MAN H . 3.26 23.84 -1.79
C3 MAN H . 4.75 23.65 -1.45
C4 MAN H . 5.36 22.57 -2.37
C5 MAN H . 5.09 22.95 -3.84
C6 MAN H . 5.62 21.85 -4.80
O1 MAN H . 3.66 25.47 -3.51
O2 MAN H . 2.51 22.66 -1.48
O3 MAN H . 4.98 23.28 -0.11
O4 MAN H . 6.73 22.47 -2.14
O5 MAN H . 3.72 23.23 -4.10
O6 MAN H . 4.79 20.70 -4.69
C1 MAN I . 7.85 21.48 -17.49
C2 MAN I . 6.44 21.29 -18.08
C3 MAN I . 5.38 21.64 -17.01
C4 MAN I . 5.58 20.82 -15.69
C5 MAN I . 7.02 21.06 -15.20
C6 MAN I . 7.41 20.16 -14.01
O1 MAN I . 8.07 22.86 -17.24
O2 MAN I . 6.40 19.94 -18.58
O3 MAN I . 4.13 21.31 -17.55
O4 MAN I . 4.61 21.16 -14.72
O5 MAN I . 7.94 20.78 -16.25
O6 MAN I . 7.34 18.78 -14.39
C1 MAN J . 16.98 21.83 -7.28
C2 MAN J . 18.18 21.09 -7.90
C3 MAN J . 17.88 20.69 -9.35
C4 MAN J . 16.55 19.89 -9.42
C5 MAN J . 15.43 20.62 -8.67
C6 MAN J . 14.13 19.78 -8.54
O1 MAN J . 16.69 23.04 -8.00
O2 MAN J . 18.56 19.97 -7.13
O3 MAN J . 18.92 19.95 -9.92
O4 MAN J . 16.14 19.72 -10.77
O5 MAN J . 15.79 21.03 -7.34
O6 MAN J . 14.39 18.65 -7.70
S SO4 K . 23.76 11.99 -11.26
O1 SO4 K . 25.24 11.91 -11.27
O2 SO4 K . 23.31 11.78 -9.91
O3 SO4 K . 23.33 13.35 -11.65
O4 SO4 K . 23.23 11.03 -12.25
#